data_4S3M
#
_entry.id   4S3M
#
_cell.length_a   88.648
_cell.length_b   66.764
_cell.length_c   122.378
_cell.angle_alpha   90.00
_cell.angle_beta   110.15
_cell.angle_gamma   90.00
#
_symmetry.space_group_name_H-M   'I 1 2 1'
#
loop_
_entity.id
_entity.type
_entity.pdbx_description
1 polymer '2-dehydropantoate 2-reductase'
2 non-polymer 'NADP NICOTINAMIDE-ADENINE-DINUCLEOTIDE PHOSPHATE'
3 water water
#
_entity_poly.entity_id   1
_entity_poly.type   'polypeptide(L)'
_entity_poly.pdbx_seq_one_letter_code
;MSLSVAIIGPGAVGTTIAYELQQSLPHTTLIGRHAKTITYYTVPHAPAQDIVVKGYEDVTNTFDVIIIAVKTHQLDAVIP
HLTYLAHEDTLIILAQNGYGQLEHIPFKNVCQAVVYISGQKKGDVVTHFRDYQLRIQDNALTRQFRDLVQDSQIDIVLEA
NIQQAIWYKLLVNLGINSITLLGRQTVAIMHNPEIRILCRQLLLDGCRVAQAEGLNFSEQTVDTIMTIYQGYPDEMGTSM
YYDIVHQQPLEVEAIQGFIYRRAREHNLDTPYLDTIYSFLRAYQQNEGHHHHHH
;
_entity_poly.pdbx_strand_id   A,B
#
loop_
_chem_comp.id
_chem_comp.type
_chem_comp.name
_chem_comp.formula
NAP non-polymer 'NADP NICOTINAMIDE-ADENINE-DINUCLEOTIDE PHOSPHATE' 'C21 H28 N7 O17 P3'
#
# COMPACT_ATOMS: atom_id res chain seq x y z
N LEU A 3 -13.21 6.93 -29.15
CA LEU A 3 -13.63 7.64 -27.96
C LEU A 3 -13.04 9.05 -27.92
N SER A 4 -13.91 10.05 -27.77
CA SER A 4 -13.47 11.44 -27.77
C SER A 4 -13.19 11.96 -26.37
N VAL A 5 -12.12 12.75 -26.25
CA VAL A 5 -11.71 13.29 -24.95
C VAL A 5 -11.53 14.81 -25.02
N ALA A 6 -12.11 15.53 -24.07
CA ALA A 6 -11.92 16.97 -23.96
C ALA A 6 -11.29 17.32 -22.61
N ILE A 7 -10.42 18.33 -22.62
CA ILE A 7 -9.75 18.78 -21.41
C ILE A 7 -10.03 20.24 -21.13
N ILE A 8 -11.06 20.51 -20.34
CA ILE A 8 -11.44 21.87 -19.99
C ILE A 8 -10.47 22.47 -18.97
N GLY A 9 -9.80 23.55 -19.36
CA GLY A 9 -8.85 24.21 -18.49
C GLY A 9 -7.45 24.25 -19.07
N PRO A 10 -7.15 25.32 -19.80
CA PRO A 10 -5.83 25.47 -20.41
C PRO A 10 -4.78 25.95 -19.42
N GLY A 11 -4.60 25.18 -18.34
CA GLY A 11 -3.63 25.53 -17.31
C GLY A 11 -2.45 24.58 -17.30
N ALA A 12 -1.65 24.66 -16.23
CA ALA A 12 -0.47 23.81 -16.09
C ALA A 12 -0.84 22.34 -16.19
N VAL A 13 -1.90 21.95 -15.47
CA VAL A 13 -2.37 20.58 -15.46
C VAL A 13 -3.11 20.25 -16.75
N GLY A 14 -4.03 21.12 -17.15
CA GLY A 14 -4.81 20.91 -18.36
C GLY A 14 -4.00 20.73 -19.62
N THR A 15 -3.04 21.63 -19.86
CA THR A 15 -2.21 21.55 -21.06
C THR A 15 -1.34 20.30 -21.05
N THR A 16 -0.78 19.96 -19.90
CA THR A 16 0.06 18.78 -19.76
C THR A 16 -0.70 17.51 -20.11
N ILE A 17 -1.93 17.40 -19.59
CA ILE A 17 -2.79 16.27 -19.91
C ILE A 17 -3.21 16.29 -21.38
N ALA A 18 -3.69 17.44 -21.84
CA ALA A 18 -4.16 17.59 -23.21
C ALA A 18 -3.09 17.26 -24.24
N TYR A 19 -1.85 17.66 -23.96
CA TYR A 19 -0.75 17.40 -24.88
C TYR A 19 -0.45 15.92 -24.98
N GLU A 20 -0.38 15.25 -23.83
CA GLU A 20 -0.03 13.83 -23.80
C GLU A 20 -1.13 12.95 -24.39
N LEU A 21 -2.37 13.41 -24.34
CA LEU A 21 -3.47 12.65 -24.92
C LEU A 21 -3.54 12.85 -26.43
N GLN A 22 -3.14 14.04 -26.89
CA GLN A 22 -3.10 14.34 -28.33
C GLN A 22 -1.99 13.56 -29.03
N GLN A 23 -1.05 13.05 -28.25
CA GLN A 23 0.04 12.24 -28.79
C GLN A 23 -0.39 10.78 -28.94
N SER A 24 -1.53 10.43 -28.34
CA SER A 24 -2.08 9.08 -28.44
C SER A 24 -3.38 9.08 -29.22
N LEU A 25 -4.27 9.99 -28.87
CA LEU A 25 -5.56 10.13 -29.56
C LEU A 25 -5.77 11.57 -29.99
N PRO A 26 -5.12 11.98 -31.10
CA PRO A 26 -5.03 13.35 -31.60
C PRO A 26 -6.33 14.15 -31.60
N HIS A 27 -7.48 13.47 -31.61
CA HIS A 27 -8.78 14.15 -31.58
C HIS A 27 -9.07 14.78 -30.23
N THR A 28 -8.17 14.56 -29.27
CA THR A 28 -8.27 15.16 -27.95
C THR A 28 -8.29 16.68 -28.05
N THR A 29 -9.34 17.30 -27.50
CA THR A 29 -9.53 18.74 -27.63
C THR A 29 -9.29 19.49 -26.31
N LEU A 30 -8.44 20.50 -26.37
CA LEU A 30 -8.22 21.38 -25.22
C LEU A 30 -9.13 22.61 -25.33
N ILE A 31 -10.03 22.75 -24.36
CA ILE A 31 -11.03 23.81 -24.41
C ILE A 31 -10.78 24.90 -23.37
N GLY A 32 -10.84 26.15 -23.80
CA GLY A 32 -10.71 27.30 -22.92
C GLY A 32 -11.83 28.30 -23.15
N ARG A 33 -11.71 29.48 -22.55
CA ARG A 33 -12.73 30.51 -22.73
C ARG A 33 -12.56 31.20 -24.08
N HIS A 34 -11.32 31.41 -24.49
CA HIS A 34 -11.02 32.01 -25.79
C HIS A 34 -10.12 31.09 -26.60
N ALA A 35 -10.27 31.14 -27.92
CA ALA A 35 -9.39 30.40 -28.80
C ALA A 35 -8.00 31.02 -28.78
N LYS A 36 -7.03 30.29 -28.23
CA LYS A 36 -5.66 30.80 -28.12
C LYS A 36 -4.64 29.73 -28.43
N THR A 37 -3.36 30.11 -28.35
CA THR A 37 -2.25 29.19 -28.54
C THR A 37 -1.35 29.22 -27.30
N ILE A 38 -1.02 28.04 -26.79
CA ILE A 38 -0.18 27.96 -25.60
C ILE A 38 1.19 27.36 -25.90
N THR A 39 2.24 28.08 -25.53
CA THR A 39 3.60 27.57 -25.64
C THR A 39 3.84 26.55 -24.52
N TYR A 40 4.07 25.30 -24.89
CA TYR A 40 4.20 24.23 -23.89
C TYR A 40 5.56 23.55 -23.92
N TYR A 41 6.16 23.43 -22.74
CA TYR A 41 7.40 22.66 -22.57
C TYR A 41 7.09 21.37 -21.81
N THR A 42 7.41 20.23 -22.40
CA THR A 42 7.21 18.94 -21.74
C THR A 42 8.04 18.90 -20.47
N VAL A 43 9.25 19.44 -20.56
CA VAL A 43 10.13 19.61 -19.42
C VAL A 43 10.85 20.95 -19.61
N PRO A 44 11.50 21.48 -18.56
CA PRO A 44 12.30 22.69 -18.78
C PRO A 44 13.36 22.49 -19.85
N HIS A 45 13.60 23.54 -20.65
CA HIS A 45 14.61 23.53 -21.71
C HIS A 45 14.27 22.58 -22.85
N ALA A 46 13.01 22.15 -22.92
CA ALA A 46 12.57 21.31 -24.03
C ALA A 46 12.20 22.19 -25.23
N PRO A 47 12.17 21.60 -26.43
CA PRO A 47 11.70 22.36 -27.60
C PRO A 47 10.27 22.85 -27.42
N ALA A 48 10.07 24.17 -27.53
CA ALA A 48 8.76 24.77 -27.32
C ALA A 48 7.73 24.21 -28.29
N GLN A 49 6.52 23.97 -27.78
CA GLN A 49 5.44 23.43 -28.61
C GLN A 49 4.18 24.27 -28.51
N ASP A 50 3.49 24.42 -29.64
CA ASP A 50 2.23 25.15 -29.68
C ASP A 50 1.05 24.20 -29.49
N ILE A 51 0.24 24.45 -28.46
CA ILE A 51 -0.94 23.65 -28.21
C ILE A 51 -2.20 24.43 -28.59
N VAL A 52 -3.03 23.83 -29.43
CA VAL A 52 -4.24 24.49 -29.88
C VAL A 52 -5.32 24.50 -28.80
N VAL A 53 -5.73 25.71 -28.41
CA VAL A 53 -6.82 25.87 -27.46
C VAL A 53 -8.06 26.40 -28.17
N LYS A 54 -9.12 25.59 -28.18
CA LYS A 54 -10.36 25.98 -28.84
C LYS A 54 -11.37 26.49 -27.82
N GLY A 55 -11.96 27.65 -28.08
CA GLY A 55 -12.94 28.22 -27.19
C GLY A 55 -14.23 27.41 -27.17
N TYR A 56 -15.10 27.69 -26.20
CA TYR A 56 -16.39 27.03 -26.11
C TYR A 56 -17.21 27.20 -27.38
N GLU A 57 -17.04 28.35 -28.04
CA GLU A 57 -17.79 28.68 -29.24
C GLU A 57 -17.29 27.90 -30.45
N ASP A 58 -16.12 27.29 -30.33
CA ASP A 58 -15.51 26.56 -31.44
C ASP A 58 -15.94 25.09 -31.46
N VAL A 59 -16.20 24.54 -30.28
CA VAL A 59 -16.60 23.14 -30.16
C VAL A 59 -18.05 22.94 -30.58
N THR A 60 -18.30 21.92 -31.40
CA THR A 60 -19.64 21.64 -31.90
C THR A 60 -20.09 20.21 -31.60
N ASN A 61 -19.23 19.46 -30.91
CA ASN A 61 -19.54 18.06 -30.61
C ASN A 61 -19.48 17.74 -29.12
N THR A 62 -20.19 16.69 -28.72
CA THR A 62 -20.14 16.22 -27.34
C THR A 62 -18.99 15.23 -27.17
N PHE A 63 -18.56 15.04 -25.92
CA PHE A 63 -17.43 14.17 -25.63
C PHE A 63 -17.82 13.01 -24.72
N ASP A 64 -17.07 11.93 -24.82
CA ASP A 64 -17.30 10.76 -23.98
C ASP A 64 -16.56 10.88 -22.66
N VAL A 65 -15.41 11.54 -22.71
CA VAL A 65 -14.61 11.79 -21.52
C VAL A 65 -14.24 13.27 -21.43
N ILE A 66 -14.64 13.91 -20.35
CA ILE A 66 -14.32 15.33 -20.14
C ILE A 66 -13.50 15.51 -18.88
N ILE A 67 -12.30 16.07 -19.05
CA ILE A 67 -11.42 16.32 -17.92
C ILE A 67 -11.38 17.80 -17.56
N ILE A 68 -12.01 18.15 -16.44
CA ILE A 68 -12.06 19.54 -15.99
C ILE A 68 -10.85 19.89 -15.12
N ALA A 69 -9.94 20.68 -15.67
CA ALA A 69 -8.70 21.03 -14.97
C ALA A 69 -8.60 22.52 -14.70
N VAL A 70 -9.67 23.10 -14.18
CA VAL A 70 -9.66 24.50 -13.77
C VAL A 70 -9.50 24.58 -12.26
N LYS A 71 -9.31 25.79 -11.74
CA LYS A 71 -9.25 25.99 -10.30
C LYS A 71 -10.59 25.61 -9.68
N THR A 72 -10.56 25.19 -8.42
CA THR A 72 -11.76 24.73 -7.73
C THR A 72 -12.82 25.82 -7.60
N HIS A 73 -12.37 27.09 -7.58
CA HIS A 73 -13.29 28.22 -7.51
C HIS A 73 -13.74 28.65 -8.90
N GLN A 74 -13.30 27.92 -9.91
CA GLN A 74 -13.68 28.21 -11.28
C GLN A 74 -14.65 27.16 -11.82
N LEU A 75 -14.95 26.16 -11.00
CA LEU A 75 -15.78 25.03 -11.43
C LEU A 75 -17.21 25.46 -11.78
N ASP A 76 -17.80 26.31 -10.94
CA ASP A 76 -19.18 26.73 -11.14
C ASP A 76 -19.40 27.48 -12.45
N ALA A 77 -18.32 28.03 -13.01
CA ALA A 77 -18.40 28.76 -14.27
C ALA A 77 -18.35 27.81 -15.46
N VAL A 78 -17.77 26.63 -15.25
CA VAL A 78 -17.62 25.63 -16.29
C VAL A 78 -18.88 24.78 -16.47
N ILE A 79 -19.53 24.48 -15.36
CA ILE A 79 -20.67 23.56 -15.34
C ILE A 79 -21.79 23.85 -16.37
N PRO A 80 -22.22 25.12 -16.52
CA PRO A 80 -23.30 25.36 -17.48
C PRO A 80 -22.96 24.95 -18.91
N HIS A 81 -21.67 24.95 -19.26
CA HIS A 81 -21.26 24.59 -20.61
C HIS A 81 -21.27 23.08 -20.83
N LEU A 82 -21.42 22.32 -19.75
CA LEU A 82 -21.46 20.86 -19.85
C LEU A 82 -22.75 20.39 -20.52
N THR A 83 -23.72 21.30 -20.64
CA THR A 83 -24.99 21.00 -21.28
C THR A 83 -24.81 20.59 -22.74
N TYR A 84 -23.97 21.33 -23.46
CA TYR A 84 -23.73 21.03 -24.87
C TYR A 84 -22.41 20.31 -25.10
N LEU A 85 -21.56 20.28 -24.07
CA LEU A 85 -20.26 19.62 -24.19
C LEU A 85 -20.33 18.14 -23.82
N ALA A 86 -21.36 17.75 -23.07
CA ALA A 86 -21.49 16.37 -22.62
C ALA A 86 -22.87 15.80 -22.93
N HIS A 87 -22.94 14.47 -23.02
CA HIS A 87 -24.22 13.79 -23.14
C HIS A 87 -24.56 13.09 -21.83
N GLU A 88 -25.50 12.16 -21.88
CA GLU A 88 -26.00 11.49 -20.67
C GLU A 88 -24.92 10.66 -19.96
N ASP A 89 -24.22 9.83 -20.72
CA ASP A 89 -23.28 8.89 -20.14
C ASP A 89 -21.82 9.34 -20.23
N THR A 90 -21.61 10.65 -20.34
CA THR A 90 -20.27 11.21 -20.41
C THR A 90 -19.53 11.09 -19.08
N LEU A 91 -18.31 10.56 -19.12
CA LEU A 91 -17.47 10.47 -17.93
C LEU A 91 -16.81 11.80 -17.62
N ILE A 92 -17.19 12.40 -16.49
CA ILE A 92 -16.63 13.70 -16.11
C ILE A 92 -15.61 13.54 -14.99
N ILE A 93 -14.36 13.89 -15.29
CA ILE A 93 -13.27 13.76 -14.33
C ILE A 93 -12.80 15.12 -13.83
N LEU A 94 -12.76 15.28 -12.51
CA LEU A 94 -12.31 16.53 -11.90
C LEU A 94 -10.82 16.51 -11.62
N ALA A 95 -10.05 17.13 -12.51
CA ALA A 95 -8.60 17.24 -12.32
C ALA A 95 -8.28 18.43 -11.44
N GLN A 96 -8.74 18.38 -10.19
CA GLN A 96 -8.60 19.49 -9.26
C GLN A 96 -8.08 19.03 -7.90
N ASN A 97 -7.63 19.99 -7.10
CA ASN A 97 -7.16 19.70 -5.75
C ASN A 97 -8.31 19.67 -4.74
N GLY A 98 -8.03 19.15 -3.56
CA GLY A 98 -9.02 19.05 -2.52
C GLY A 98 -10.17 18.14 -2.92
N TYR A 99 -11.31 18.31 -2.27
CA TYR A 99 -12.50 17.55 -2.63
C TYR A 99 -13.46 18.46 -3.37
N GLY A 100 -13.46 18.35 -4.69
CA GLY A 100 -14.25 19.21 -5.56
C GLY A 100 -15.74 19.13 -5.33
N GLN A 101 -16.45 20.10 -5.90
CA GLN A 101 -17.90 20.18 -5.76
C GLN A 101 -18.58 19.15 -6.68
N LEU A 102 -18.46 17.87 -6.32
CA LEU A 102 -18.99 16.78 -7.12
C LEU A 102 -20.50 16.86 -7.28
N GLU A 103 -21.19 17.40 -6.27
CA GLU A 103 -22.64 17.46 -6.27
C GLU A 103 -23.15 18.60 -7.14
N HIS A 104 -22.27 19.53 -7.48
CA HIS A 104 -22.63 20.66 -8.32
C HIS A 104 -22.83 20.26 -9.77
N ILE A 105 -22.30 19.10 -10.14
CA ILE A 105 -22.38 18.62 -11.52
C ILE A 105 -23.52 17.63 -11.68
N PRO A 106 -24.53 18.00 -12.48
CA PRO A 106 -25.74 17.20 -12.69
C PRO A 106 -25.56 16.09 -13.73
N PHE A 107 -24.50 15.31 -13.62
CA PHE A 107 -24.28 14.19 -14.54
C PHE A 107 -24.04 12.90 -13.77
N LYS A 108 -24.38 11.78 -14.39
CA LYS A 108 -24.29 10.47 -13.75
C LYS A 108 -22.87 10.08 -13.39
N ASN A 109 -21.95 10.19 -14.35
CA ASN A 109 -20.59 9.72 -14.15
C ASN A 109 -19.61 10.85 -13.86
N VAL A 110 -19.59 11.29 -12.61
CA VAL A 110 -18.66 12.33 -12.16
C VAL A 110 -17.67 11.74 -11.16
N CYS A 111 -16.38 11.85 -11.49
CA CYS A 111 -15.35 11.28 -10.65
C CYS A 111 -14.32 12.32 -10.21
N GLN A 112 -14.02 12.33 -8.92
CA GLN A 112 -12.97 13.18 -8.38
C GLN A 112 -11.60 12.55 -8.59
N ALA A 113 -10.68 13.29 -9.22
CA ALA A 113 -9.34 12.79 -9.46
C ALA A 113 -8.31 13.43 -8.53
N VAL A 114 -7.36 12.63 -8.05
CA VAL A 114 -6.24 13.16 -7.29
C VAL A 114 -5.08 13.45 -8.25
N VAL A 115 -4.82 14.73 -8.50
CA VAL A 115 -3.82 15.12 -9.49
C VAL A 115 -2.42 15.24 -8.91
N TYR A 116 -1.50 14.47 -9.48
CA TYR A 116 -0.09 14.61 -9.16
C TYR A 116 0.67 14.96 -10.44
N ILE A 117 0.50 16.20 -10.88
CA ILE A 117 1.18 16.72 -12.07
C ILE A 117 1.70 18.12 -11.77
N SER A 118 3.02 18.25 -11.64
CA SER A 118 3.63 19.51 -11.28
C SER A 118 3.99 20.34 -12.50
N GLY A 119 3.52 21.58 -12.53
CA GLY A 119 3.80 22.48 -13.63
C GLY A 119 3.34 23.89 -13.31
N GLN A 120 3.78 24.86 -14.10
CA GLN A 120 3.39 26.25 -13.88
C GLN A 120 2.94 26.91 -15.17
N LYS A 121 2.13 27.96 -15.03
CA LYS A 121 1.69 28.72 -16.18
C LYS A 121 2.00 30.20 -16.00
N LYS A 122 2.81 30.74 -16.91
CA LYS A 122 3.13 32.16 -16.91
C LYS A 122 2.69 32.77 -18.24
N GLY A 123 1.64 33.58 -18.20
CA GLY A 123 1.02 34.08 -19.40
C GLY A 123 0.36 32.93 -20.13
N ASP A 124 0.69 32.75 -21.40
CA ASP A 124 0.21 31.59 -22.16
C ASP A 124 1.36 30.63 -22.42
N VAL A 125 2.30 30.58 -21.49
CA VAL A 125 3.44 29.68 -21.59
C VAL A 125 3.43 28.68 -20.44
N VAL A 126 3.00 27.45 -20.73
CA VAL A 126 2.94 26.40 -19.72
C VAL A 126 4.21 25.55 -19.70
N THR A 127 4.83 25.46 -18.53
CA THR A 127 6.03 24.65 -18.35
C THR A 127 5.77 23.48 -17.40
N HIS A 128 5.95 22.26 -17.89
CA HIS A 128 5.78 21.07 -17.05
C HIS A 128 7.09 20.66 -16.39
N PHE A 129 7.02 20.34 -15.10
CA PHE A 129 8.22 19.98 -14.35
C PHE A 129 8.40 18.46 -14.27
N ARG A 130 7.45 17.77 -13.65
CA ARG A 130 7.51 16.32 -13.55
C ARG A 130 6.13 15.72 -13.28
N ASP A 131 6.07 14.38 -13.31
CA ASP A 131 4.86 13.60 -12.99
C ASP A 131 3.72 13.78 -13.99
N TYR A 132 2.97 12.71 -14.21
CA TYR A 132 1.83 12.70 -15.12
C TYR A 132 0.68 11.89 -14.52
N GLN A 133 0.68 11.73 -13.20
CA GLN A 133 -0.22 10.80 -12.53
C GLN A 133 -1.61 11.37 -12.27
N LEU A 134 -2.62 10.55 -12.52
CA LEU A 134 -4.00 10.87 -12.17
C LEU A 134 -4.62 9.70 -11.40
N ARG A 135 -5.00 9.95 -10.15
CA ARG A 135 -5.64 8.92 -9.35
C ARG A 135 -7.15 9.07 -9.37
N ILE A 136 -7.82 8.10 -10.00
CA ILE A 136 -9.28 8.15 -10.14
C ILE A 136 -9.93 6.92 -9.52
N GLN A 137 -11.21 7.04 -9.19
CA GLN A 137 -11.97 5.92 -8.65
C GLN A 137 -12.14 4.82 -9.69
N ASP A 138 -11.88 3.58 -9.29
CA ASP A 138 -11.92 2.45 -10.20
C ASP A 138 -13.35 2.02 -10.52
N ASN A 139 -13.74 2.17 -11.78
CA ASN A 139 -15.02 1.66 -12.27
C ASN A 139 -14.92 1.29 -13.75
N ALA A 140 -16.04 0.91 -14.35
CA ALA A 140 -16.04 0.43 -15.72
C ALA A 140 -15.56 1.49 -16.71
N LEU A 141 -16.01 2.72 -16.52
CA LEU A 141 -15.69 3.81 -17.44
C LEU A 141 -14.28 4.35 -17.21
N THR A 142 -13.83 4.37 -15.95
CA THR A 142 -12.49 4.82 -15.65
C THR A 142 -11.46 3.76 -16.05
N ARG A 143 -11.91 2.52 -16.14
CA ARG A 143 -11.07 1.45 -16.67
C ARG A 143 -10.95 1.58 -18.19
N GLN A 144 -12.04 1.98 -18.82
CA GLN A 144 -12.05 2.18 -20.27
C GLN A 144 -11.15 3.35 -20.65
N PHE A 145 -11.22 4.41 -19.84
CA PHE A 145 -10.37 5.58 -20.04
C PHE A 145 -8.91 5.25 -19.77
N ARG A 146 -8.68 4.36 -18.81
CA ARG A 146 -7.34 3.90 -18.48
C ARG A 146 -6.77 3.10 -19.66
N ASP A 147 -7.61 2.26 -20.26
CA ASP A 147 -7.19 1.44 -21.38
C ASP A 147 -6.90 2.30 -22.61
N LEU A 148 -7.63 3.39 -22.74
CA LEU A 148 -7.50 4.27 -23.90
C LEU A 148 -6.17 5.04 -23.88
N VAL A 149 -5.78 5.49 -22.70
CA VAL A 149 -4.55 6.26 -22.56
C VAL A 149 -3.37 5.35 -22.23
N GLN A 150 -3.45 4.11 -22.72
CA GLN A 150 -2.40 3.11 -22.51
C GLN A 150 -1.03 3.60 -22.94
N ASP A 151 -0.97 4.19 -24.13
CA ASP A 151 0.30 4.57 -24.73
C ASP A 151 0.84 5.89 -24.19
N SER A 152 -0.06 6.80 -23.81
CA SER A 152 0.36 8.08 -23.25
C SER A 152 1.04 7.85 -21.92
N GLN A 153 2.01 8.70 -21.58
CA GLN A 153 2.71 8.54 -20.31
C GLN A 153 1.90 9.14 -19.17
N ILE A 154 0.66 9.52 -19.47
CA ILE A 154 -0.29 9.89 -18.43
C ILE A 154 -0.57 8.65 -17.58
N ASP A 155 -0.18 8.70 -16.32
CA ASP A 155 -0.29 7.54 -15.44
C ASP A 155 -1.60 7.54 -14.67
N ILE A 156 -2.56 6.75 -15.16
CA ILE A 156 -3.85 6.61 -14.50
C ILE A 156 -3.81 5.53 -13.43
N VAL A 157 -3.95 5.94 -12.18
CA VAL A 157 -3.97 5.00 -11.07
C VAL A 157 -5.40 4.77 -10.59
N LEU A 158 -5.95 3.62 -10.93
CA LEU A 158 -7.30 3.28 -10.51
C LEU A 158 -7.32 2.89 -9.04
N GLU A 159 -8.25 3.47 -8.30
CA GLU A 159 -8.30 3.28 -6.85
C GLU A 159 -9.57 2.55 -6.44
N ALA A 160 -9.41 1.55 -5.59
CA ALA A 160 -10.56 0.82 -5.04
C ALA A 160 -11.41 1.77 -4.23
N ASN A 161 -10.75 2.62 -3.44
CA ASN A 161 -11.43 3.67 -2.70
C ASN A 161 -10.65 4.97 -2.84
N ILE A 162 -11.14 5.85 -3.71
CA ILE A 162 -10.44 7.09 -4.02
C ILE A 162 -10.46 8.04 -2.82
N GLN A 163 -11.35 7.77 -1.86
CA GLN A 163 -11.47 8.56 -0.64
C GLN A 163 -10.14 8.66 0.11
N GLN A 164 -9.41 7.55 0.20
CA GLN A 164 -8.14 7.53 0.91
C GLN A 164 -7.08 8.34 0.18
N ALA A 165 -7.11 8.28 -1.15
CA ALA A 165 -6.17 9.04 -1.98
C ALA A 165 -6.46 10.53 -1.90
N ILE A 166 -7.74 10.91 -1.99
CA ILE A 166 -8.15 12.30 -1.90
C ILE A 166 -7.75 12.91 -0.57
N TRP A 167 -8.08 12.20 0.52
CA TRP A 167 -7.84 12.71 1.86
C TRP A 167 -6.36 12.78 2.22
N TYR A 168 -5.55 11.90 1.64
CA TYR A 168 -4.13 11.91 1.95
C TYR A 168 -3.47 13.18 1.41
N LYS A 169 -3.82 13.56 0.19
CA LYS A 169 -3.28 14.79 -0.39
C LYS A 169 -3.86 16.00 0.33
N LEU A 170 -5.10 15.86 0.80
CA LEU A 170 -5.72 16.92 1.60
C LEU A 170 -4.89 17.23 2.83
N LEU A 171 -4.39 16.18 3.47
CA LEU A 171 -3.56 16.34 4.66
C LEU A 171 -2.20 16.92 4.31
N VAL A 172 -1.65 16.48 3.18
CA VAL A 172 -0.34 16.96 2.74
C VAL A 172 -0.37 18.47 2.48
N ASN A 173 -1.39 18.93 1.78
CA ASN A 173 -1.56 20.35 1.52
C ASN A 173 -1.91 21.12 2.79
N LEU A 174 -2.58 20.44 3.72
CA LEU A 174 -2.98 21.07 4.98
C LEU A 174 -1.76 21.50 5.80
N GLY A 175 -0.73 20.66 5.80
CA GLY A 175 0.44 20.90 6.61
C GLY A 175 1.38 21.96 6.11
N ILE A 176 2.10 21.67 5.03
CA ILE A 176 3.19 22.52 4.58
C ILE A 176 2.70 23.79 3.85
N ASN A 177 1.59 23.68 3.13
CA ASN A 177 1.11 24.81 2.34
C ASN A 177 0.47 25.89 3.20
N SER A 178 -0.18 25.49 4.28
CA SER A 178 -0.79 26.44 5.18
C SER A 178 0.28 27.25 5.90
N ILE A 179 1.34 26.57 6.33
CA ILE A 179 2.42 27.21 7.07
C ILE A 179 3.24 28.12 6.17
N THR A 180 3.55 27.65 4.97
CA THR A 180 4.31 28.46 4.02
C THR A 180 3.52 29.68 3.55
N LEU A 181 2.20 29.53 3.39
CA LEU A 181 1.35 30.65 3.00
C LEU A 181 1.26 31.69 4.11
N LEU A 182 0.88 31.23 5.30
CA LEU A 182 0.69 32.13 6.44
C LEU A 182 2.02 32.73 6.89
N GLY A 183 3.07 31.91 6.87
CA GLY A 183 4.40 32.36 7.25
C GLY A 183 5.06 33.18 6.16
N ARG A 184 4.56 33.04 4.93
CA ARG A 184 5.11 33.73 3.76
C ARG A 184 6.59 33.47 3.60
N GLN A 185 6.98 32.19 3.76
CA GLN A 185 8.36 31.78 3.58
C GLN A 185 8.40 30.51 2.74
N THR A 186 9.59 29.93 2.61
CA THR A 186 9.74 28.65 1.95
C THR A 186 9.57 27.51 2.96
N VAL A 187 10.04 26.32 2.60
CA VAL A 187 9.97 25.18 3.50
C VAL A 187 10.95 25.37 4.66
N ALA A 188 11.91 26.25 4.46
CA ALA A 188 12.91 26.57 5.49
C ALA A 188 12.28 27.10 6.78
N ILE A 189 11.00 27.45 6.71
CA ILE A 189 10.28 27.91 7.90
C ILE A 189 10.06 26.75 8.86
N MET A 190 10.22 25.53 8.36
CA MET A 190 10.10 24.33 9.19
C MET A 190 11.33 24.14 10.08
N HIS A 191 12.29 25.04 9.95
CA HIS A 191 13.49 24.99 10.78
C HIS A 191 13.16 25.42 12.21
N ASN A 192 12.14 26.26 12.34
CA ASN A 192 11.67 26.68 13.65
C ASN A 192 10.96 25.53 14.36
N PRO A 193 11.48 25.12 15.53
CA PRO A 193 10.91 24.02 16.31
C PRO A 193 9.43 24.26 16.63
N GLU A 194 9.06 25.51 16.87
CA GLU A 194 7.67 25.83 17.19
C GLU A 194 6.76 25.54 15.99
N ILE A 195 7.28 25.77 14.79
CA ILE A 195 6.53 25.52 13.56
C ILE A 195 6.27 24.02 13.36
N ARG A 196 7.30 23.21 13.58
CA ARG A 196 7.18 21.76 13.43
C ARG A 196 6.15 21.18 14.39
N ILE A 197 6.10 21.70 15.60
CA ILE A 197 5.10 21.28 16.58
C ILE A 197 3.70 21.62 16.05
N LEU A 198 3.56 22.83 15.53
CA LEU A 198 2.30 23.28 14.95
C LEU A 198 1.88 22.40 13.78
N CYS A 199 2.85 22.03 12.95
CA CYS A 199 2.60 21.21 11.78
C CYS A 199 1.99 19.87 12.14
N ARG A 200 2.60 19.19 13.11
CA ARG A 200 2.09 17.90 13.57
C ARG A 200 0.69 18.05 14.15
N GLN A 201 0.49 19.08 14.98
CA GLN A 201 -0.81 19.36 15.58
C GLN A 201 -1.84 19.70 14.51
N LEU A 202 -1.40 20.44 13.49
CA LEU A 202 -2.27 20.78 12.37
C LEU A 202 -2.62 19.52 11.59
N LEU A 203 -1.64 18.65 11.38
CA LEU A 203 -1.87 17.39 10.68
C LEU A 203 -2.78 16.48 11.51
N LEU A 204 -2.52 16.38 12.81
CA LEU A 204 -3.33 15.55 13.69
C LEU A 204 -4.78 16.00 13.73
N ASP A 205 -5.00 17.30 13.57
CA ASP A 205 -6.36 17.84 13.51
C ASP A 205 -7.09 17.34 12.28
N GLY A 206 -6.47 17.50 11.11
CA GLY A 206 -7.04 17.04 9.87
C GLY A 206 -7.14 15.53 9.82
N CYS A 207 -6.14 14.88 10.39
CA CYS A 207 -6.11 13.41 10.47
C CYS A 207 -7.25 12.91 11.34
N ARG A 208 -7.64 13.71 12.33
CA ARG A 208 -8.74 13.36 13.22
C ARG A 208 -10.07 13.47 12.47
N VAL A 209 -10.13 14.40 11.51
CA VAL A 209 -11.31 14.56 10.68
C VAL A 209 -11.41 13.38 9.70
N ALA A 210 -10.26 12.94 9.22
CA ALA A 210 -10.20 11.79 8.32
C ALA A 210 -10.71 10.52 9.01
N GLN A 211 -10.43 10.40 10.31
CA GLN A 211 -10.93 9.27 11.08
C GLN A 211 -12.45 9.31 11.17
N ALA A 212 -12.99 10.51 11.37
CA ALA A 212 -14.43 10.69 11.49
C ALA A 212 -15.15 10.38 10.18
N GLU A 213 -14.46 10.58 9.06
CA GLU A 213 -15.03 10.29 7.75
C GLU A 213 -14.95 8.81 7.42
N GLY A 214 -14.26 8.06 8.27
CA GLY A 214 -14.22 6.62 8.14
C GLY A 214 -12.95 6.06 7.51
N LEU A 215 -11.92 6.88 7.43
CA LEU A 215 -10.65 6.46 6.84
C LEU A 215 -9.63 6.11 7.90
N ASN A 216 -8.76 5.14 7.58
CA ASN A 216 -7.77 4.66 8.53
C ASN A 216 -6.49 5.49 8.55
N PHE A 217 -6.57 6.68 9.11
CA PHE A 217 -5.40 7.54 9.28
C PHE A 217 -5.10 7.76 10.75
N SER A 218 -3.89 7.40 11.17
CA SER A 218 -3.48 7.54 12.57
C SER A 218 -2.34 8.56 12.70
N GLU A 219 -1.67 8.54 13.85
CA GLU A 219 -0.56 9.45 14.08
C GLU A 219 0.64 9.05 13.24
N GLN A 220 0.66 7.79 12.80
CA GLN A 220 1.73 7.30 11.93
C GLN A 220 1.60 7.94 10.55
N THR A 221 0.36 8.24 10.16
CA THR A 221 0.12 8.94 8.91
C THR A 221 0.75 10.32 8.96
N VAL A 222 0.68 10.95 10.13
CA VAL A 222 1.30 12.25 10.36
C VAL A 222 2.82 12.15 10.25
N ASP A 223 3.38 11.10 10.82
CA ASP A 223 4.83 10.87 10.76
C ASP A 223 5.34 10.77 9.33
N THR A 224 4.63 10.02 8.50
CA THR A 224 5.06 9.81 7.12
C THR A 224 4.95 11.09 6.31
N ILE A 225 3.92 11.89 6.61
CA ILE A 225 3.71 13.16 5.91
C ILE A 225 4.78 14.18 6.32
N MET A 226 5.09 14.22 7.62
CA MET A 226 6.15 15.09 8.13
C MET A 226 7.50 14.74 7.50
N THR A 227 7.72 13.44 7.27
CA THR A 227 8.95 12.97 6.65
C THR A 227 9.03 13.42 5.19
N ILE A 228 7.89 13.47 4.53
CA ILE A 228 7.80 13.96 3.16
C ILE A 228 8.24 15.42 3.08
N TYR A 229 7.87 16.20 4.09
CA TYR A 229 8.20 17.62 4.14
C TYR A 229 9.71 17.86 4.23
N GLN A 230 10.44 16.85 4.71
CA GLN A 230 11.89 16.96 4.85
C GLN A 230 12.60 16.80 3.51
N GLY A 231 11.84 16.53 2.45
CA GLY A 231 12.40 16.30 1.14
C GLY A 231 12.07 17.37 0.12
N TYR A 232 12.11 18.64 0.55
CA TYR A 232 11.88 19.76 -0.36
C TYR A 232 12.62 21.00 0.11
N GLU A 251 -7.60 28.29 -3.35
CA GLU A 251 -8.41 27.07 -3.31
C GLU A 251 -8.61 26.58 -1.88
N VAL A 252 -8.57 27.52 -0.94
CA VAL A 252 -8.69 27.19 0.48
C VAL A 252 -10.04 26.54 0.80
N GLU A 253 -11.09 26.98 0.11
CA GLU A 253 -12.43 26.47 0.40
C GLU A 253 -12.59 25.00 0.01
N ALA A 254 -11.76 24.54 -0.92
CA ALA A 254 -11.82 23.16 -1.38
C ALA A 254 -10.86 22.25 -0.63
N ILE A 255 -9.87 22.86 0.05
CA ILE A 255 -8.88 22.10 0.80
C ILE A 255 -9.10 22.25 2.30
N GLN A 256 -8.60 23.33 2.88
CA GLN A 256 -8.75 23.58 4.31
C GLN A 256 -10.20 23.78 4.69
N GLY A 257 -10.95 24.43 3.80
CA GLY A 257 -12.37 24.66 4.01
C GLY A 257 -13.15 23.35 4.10
N PHE A 258 -12.75 22.39 3.28
CA PHE A 258 -13.42 21.08 3.26
C PHE A 258 -13.15 20.31 4.55
N ILE A 259 -11.89 20.31 4.98
CA ILE A 259 -11.51 19.63 6.21
C ILE A 259 -12.18 20.29 7.40
N TYR A 260 -12.30 21.62 7.33
CA TYR A 260 -12.92 22.40 8.40
C TYR A 260 -14.42 22.12 8.51
N ARG A 261 -15.10 22.08 7.37
CA ARG A 261 -16.54 21.86 7.36
C ARG A 261 -16.91 20.46 7.82
N ARG A 262 -16.07 19.49 7.50
CA ARG A 262 -16.30 18.12 7.95
C ARG A 262 -15.93 17.98 9.42
N ALA A 263 -15.07 18.87 9.90
CA ALA A 263 -14.71 18.89 11.32
C ALA A 263 -15.90 19.35 12.16
N ARG A 264 -16.70 20.25 11.58
CA ARG A 264 -17.91 20.73 12.23
C ARG A 264 -19.06 19.76 11.98
N GLU A 265 -18.99 19.03 10.87
CA GLU A 265 -19.99 18.02 10.54
C GLU A 265 -20.02 16.91 11.57
N HIS A 266 -18.85 16.55 12.09
CA HIS A 266 -18.73 15.50 13.09
C HIS A 266 -18.60 16.09 14.49
N ASN A 267 -18.79 17.40 14.60
CA ASN A 267 -18.69 18.12 15.86
C ASN A 267 -17.35 17.86 16.55
N LEU A 268 -16.28 17.95 15.78
CA LEU A 268 -14.95 17.66 16.30
C LEU A 268 -14.28 18.91 16.86
N ASP A 269 -13.22 18.70 17.63
CA ASP A 269 -12.48 19.80 18.22
C ASP A 269 -11.11 19.92 17.56
N THR A 270 -10.99 20.87 16.62
CA THR A 270 -9.76 21.03 15.87
C THR A 270 -9.27 22.48 15.91
N PRO A 271 -8.69 22.88 17.05
CA PRO A 271 -8.26 24.28 17.24
C PRO A 271 -7.18 24.74 16.26
N TYR A 272 -6.21 23.87 15.98
CA TYR A 272 -5.11 24.22 15.09
C TYR A 272 -5.61 24.44 13.66
N LEU A 273 -6.54 23.59 13.24
CA LEU A 273 -7.18 23.73 11.94
C LEU A 273 -8.06 24.99 11.89
N ASP A 274 -8.73 25.26 12.99
CA ASP A 274 -9.61 26.42 13.09
C ASP A 274 -8.83 27.72 12.94
N THR A 275 -7.64 27.77 13.54
CA THR A 275 -6.81 28.98 13.50
C THR A 275 -6.26 29.22 12.10
N ILE A 276 -5.72 28.15 11.49
CA ILE A 276 -5.18 28.24 10.14
C ILE A 276 -6.26 28.66 9.14
N TYR A 277 -7.44 28.06 9.27
CA TYR A 277 -8.55 28.35 8.38
C TYR A 277 -9.09 29.76 8.58
N SER A 278 -8.97 30.28 9.79
CA SER A 278 -9.45 31.63 10.10
C SER A 278 -8.61 32.69 9.39
N PHE A 279 -7.31 32.43 9.28
CA PHE A 279 -6.40 33.36 8.62
C PHE A 279 -6.42 33.21 7.10
N LEU A 280 -6.58 31.96 6.64
CA LEU A 280 -6.66 31.69 5.22
C LEU A 280 -7.94 32.26 4.62
N ARG A 281 -8.99 32.33 5.45
CA ARG A 281 -10.24 32.95 5.05
C ARG A 281 -10.07 34.46 4.90
N ALA A 282 -9.12 35.01 5.63
CA ALA A 282 -8.81 36.44 5.57
C ALA A 282 -7.75 36.71 4.51
N TYR A 283 -7.57 35.76 3.60
CA TYR A 283 -6.62 35.86 2.50
C TYR A 283 -5.20 36.16 2.97
N SER B 4 17.41 -4.47 22.26
CA SER B 4 17.79 -4.31 20.85
C SER B 4 17.22 -5.44 20.00
N VAL B 5 16.67 -5.07 18.84
CA VAL B 5 16.04 -6.03 17.94
C VAL B 5 16.67 -5.99 16.56
N ALA B 6 16.91 -7.16 15.98
CA ALA B 6 17.44 -7.25 14.63
C ALA B 6 16.62 -8.22 13.79
N ILE B 7 16.33 -7.82 12.55
CA ILE B 7 15.56 -8.68 11.64
C ILE B 7 16.40 -9.11 10.46
N ILE B 8 16.58 -10.41 10.32
CA ILE B 8 17.37 -10.96 9.23
C ILE B 8 16.47 -11.40 8.07
N GLY B 9 16.78 -10.90 6.87
CA GLY B 9 16.00 -11.21 5.70
C GLY B 9 15.10 -10.05 5.29
N PRO B 10 15.60 -9.18 4.40
CA PRO B 10 14.88 -7.99 3.93
C PRO B 10 13.86 -8.34 2.86
N GLY B 11 12.92 -9.23 3.17
CA GLY B 11 11.88 -9.62 2.25
C GLY B 11 10.56 -8.94 2.54
N ALA B 12 9.47 -9.54 2.10
CA ALA B 12 8.14 -8.98 2.33
C ALA B 12 7.82 -8.91 3.82
N VAL B 13 8.04 -10.01 4.52
CA VAL B 13 7.77 -10.07 5.95
C VAL B 13 8.80 -9.28 6.75
N GLY B 14 10.07 -9.53 6.49
CA GLY B 14 11.16 -8.88 7.19
C GLY B 14 11.13 -7.36 7.16
N THR B 15 10.91 -6.80 5.97
CA THR B 15 10.85 -5.35 5.83
C THR B 15 9.65 -4.76 6.57
N THR B 16 8.50 -5.44 6.46
CA THR B 16 7.29 -4.97 7.10
C THR B 16 7.45 -4.87 8.61
N ILE B 17 8.00 -5.94 9.20
CA ILE B 17 8.27 -5.96 10.64
C ILE B 17 9.29 -4.86 10.99
N ALA B 18 10.31 -4.71 10.14
CA ALA B 18 11.35 -3.72 10.35
C ALA B 18 10.78 -2.30 10.36
N TYR B 19 9.92 -2.01 9.39
CA TYR B 19 9.34 -0.69 9.26
C TYR B 19 8.53 -0.30 10.50
N GLU B 20 7.66 -1.20 10.94
CA GLU B 20 6.76 -0.91 12.05
C GLU B 20 7.49 -0.83 13.39
N LEU B 21 8.53 -1.64 13.56
CA LEU B 21 9.30 -1.60 14.80
C LEU B 21 10.19 -0.37 14.86
N GLN B 22 10.67 0.08 13.71
CA GLN B 22 11.54 1.26 13.67
C GLN B 22 10.78 2.54 14.01
N GLN B 23 9.46 2.49 13.92
CA GLN B 23 8.63 3.62 14.30
C GLN B 23 8.65 3.82 15.81
N SER B 24 8.74 2.72 16.55
CA SER B 24 8.79 2.76 18.01
C SER B 24 10.21 2.54 18.52
N LEU B 25 10.90 1.59 17.90
CA LEU B 25 12.29 1.28 18.27
C LEU B 25 13.21 1.60 17.10
N PRO B 26 13.71 2.85 17.04
CA PRO B 26 14.50 3.37 15.92
C PRO B 26 15.79 2.58 15.66
N HIS B 27 16.28 1.85 16.66
CA HIS B 27 17.54 1.13 16.52
C HIS B 27 17.35 -0.31 16.06
N THR B 28 16.16 -0.62 15.57
CA THR B 28 15.91 -1.95 15.00
C THR B 28 16.66 -2.07 13.68
N THR B 29 17.50 -3.10 13.58
CA THR B 29 18.37 -3.27 12.43
C THR B 29 17.88 -4.36 11.47
N LEU B 30 17.60 -3.96 10.23
CA LEU B 30 17.25 -4.91 9.18
C LEU B 30 18.53 -5.43 8.52
N ILE B 31 18.76 -6.74 8.63
CA ILE B 31 20.01 -7.33 8.15
C ILE B 31 19.79 -8.28 6.97
N GLY B 32 20.65 -8.16 5.96
CA GLY B 32 20.58 -9.01 4.79
C GLY B 32 21.97 -9.48 4.35
N ARG B 33 22.04 -10.05 3.15
CA ARG B 33 23.32 -10.50 2.59
C ARG B 33 24.27 -9.33 2.38
N HIS B 34 23.75 -8.26 1.78
CA HIS B 34 24.53 -7.06 1.51
C HIS B 34 23.73 -5.80 1.83
N ALA B 35 24.45 -4.69 1.98
CA ALA B 35 23.81 -3.41 2.23
C ALA B 35 23.09 -2.90 1.00
N LYS B 36 21.85 -2.43 1.19
CA LYS B 36 21.06 -1.84 0.11
C LYS B 36 19.82 -1.14 0.67
N THR B 37 19.04 -0.54 -0.22
CA THR B 37 17.84 0.19 0.18
C THR B 37 16.59 -0.49 -0.36
N ILE B 38 15.63 -0.74 0.52
CA ILE B 38 14.35 -1.33 0.14
C ILE B 38 13.28 -0.25 0.02
N THR B 39 12.55 -0.25 -1.10
CA THR B 39 11.43 0.66 -1.27
C THR B 39 10.17 0.02 -0.68
N TYR B 40 9.69 0.58 0.42
CA TYR B 40 8.59 -0.03 1.14
C TYR B 40 7.26 0.71 0.97
N TYR B 41 6.18 -0.06 0.81
CA TYR B 41 4.84 0.49 0.79
C TYR B 41 4.01 -0.14 1.91
N THR B 42 3.50 0.69 2.81
CA THR B 42 2.67 0.22 3.91
C THR B 42 1.46 -0.53 3.36
N VAL B 43 0.86 0.04 2.34
CA VAL B 43 -0.18 -0.63 1.55
C VAL B 43 0.08 -0.29 0.08
N PRO B 44 -0.53 -1.02 -0.85
CA PRO B 44 -0.37 -0.60 -2.24
C PRO B 44 -0.94 0.79 -2.48
N HIS B 45 -0.36 1.52 -3.43
CA HIS B 45 -0.78 2.88 -3.78
C HIS B 45 -0.57 3.88 -2.64
N ALA B 46 0.20 3.48 -1.64
CA ALA B 46 0.60 4.38 -0.56
C ALA B 46 1.90 5.08 -0.94
N PRO B 47 2.21 6.21 -0.28
CA PRO B 47 3.48 6.89 -0.55
C PRO B 47 4.68 6.00 -0.25
N ALA B 48 5.66 6.00 -1.14
CA ALA B 48 6.84 5.15 -1.00
C ALA B 48 7.72 5.62 0.15
N GLN B 49 8.29 4.66 0.87
CA GLN B 49 9.21 4.96 1.96
C GLN B 49 10.45 4.07 1.89
N ASP B 50 11.62 4.69 1.92
CA ASP B 50 12.88 3.95 1.88
C ASP B 50 13.22 3.37 3.24
N ILE B 51 13.81 2.18 3.23
CA ILE B 51 14.31 1.56 4.46
C ILE B 51 15.63 0.86 4.18
N VAL B 52 16.67 1.24 4.92
CA VAL B 52 18.02 0.75 4.65
C VAL B 52 18.26 -0.63 5.22
N VAL B 53 19.17 -1.37 4.58
CA VAL B 53 19.53 -2.70 5.03
C VAL B 53 21.04 -2.78 5.26
N LYS B 54 21.44 -3.36 6.38
CA LYS B 54 22.85 -3.63 6.64
C LYS B 54 23.22 -5.05 6.22
N GLY B 55 24.41 -5.23 5.67
CA GLY B 55 24.91 -6.55 5.36
C GLY B 55 25.50 -7.17 6.60
N TYR B 56 25.79 -8.47 6.55
CA TYR B 56 26.39 -9.17 7.68
C TYR B 56 27.73 -8.53 8.05
N GLU B 57 28.46 -8.09 7.03
CA GLU B 57 29.75 -7.47 7.22
C GLU B 57 29.64 -6.11 7.92
N ASP B 58 28.51 -5.44 7.73
CA ASP B 58 28.31 -4.10 8.26
C ASP B 58 27.88 -4.12 9.72
N VAL B 59 27.17 -5.18 10.12
CA VAL B 59 26.72 -5.31 11.50
C VAL B 59 27.87 -5.76 12.39
N THR B 60 28.09 -5.03 13.47
CA THR B 60 29.25 -5.28 14.33
C THR B 60 28.89 -5.74 15.73
N ASN B 61 27.62 -5.58 16.11
CA ASN B 61 27.22 -5.89 17.48
C ASN B 61 26.31 -7.10 17.58
N THR B 62 25.98 -7.48 18.81
CA THR B 62 25.04 -8.56 19.07
C THR B 62 23.70 -7.98 19.51
N PHE B 63 22.62 -8.74 19.32
CA PHE B 63 21.29 -8.25 19.62
C PHE B 63 20.58 -9.12 20.65
N ASP B 64 19.70 -8.50 21.43
CA ASP B 64 18.94 -9.19 22.45
C ASP B 64 17.85 -10.07 21.83
N VAL B 65 17.23 -9.56 20.78
CA VAL B 65 16.17 -10.28 20.08
C VAL B 65 16.42 -10.30 18.57
N ILE B 66 16.42 -11.50 17.99
CA ILE B 66 16.62 -11.65 16.56
C ILE B 66 15.40 -12.28 15.88
N ILE B 67 14.89 -11.62 14.86
CA ILE B 67 13.75 -12.15 14.10
C ILE B 67 14.18 -12.61 12.72
N ILE B 68 14.28 -13.92 12.54
CA ILE B 68 14.64 -14.49 11.25
C ILE B 68 13.43 -14.58 10.34
N ALA B 69 13.46 -13.84 9.23
CA ALA B 69 12.33 -13.79 8.32
C ALA B 69 12.74 -14.15 6.88
N VAL B 70 13.48 -15.23 6.74
CA VAL B 70 13.85 -15.74 5.42
C VAL B 70 13.00 -16.96 5.06
N LYS B 71 13.15 -17.42 3.83
CA LYS B 71 12.46 -18.64 3.40
C LYS B 71 12.99 -19.83 4.18
N THR B 72 12.19 -20.89 4.24
CA THR B 72 12.56 -22.07 5.02
C THR B 72 13.82 -22.73 4.47
N HIS B 73 13.96 -22.70 3.15
CA HIS B 73 15.12 -23.30 2.49
C HIS B 73 16.33 -22.39 2.52
N GLN B 74 16.15 -21.18 3.06
CA GLN B 74 17.23 -20.21 3.15
C GLN B 74 17.76 -20.08 4.59
N LEU B 75 17.19 -20.87 5.49
CA LEU B 75 17.54 -20.77 6.91
C LEU B 75 18.97 -21.22 7.20
N ASP B 76 19.41 -22.30 6.55
CA ASP B 76 20.72 -22.87 6.82
C ASP B 76 21.86 -21.91 6.45
N ALA B 77 21.63 -21.06 5.46
CA ALA B 77 22.62 -20.07 5.06
C ALA B 77 22.74 -18.95 6.10
N VAL B 78 21.72 -18.82 6.93
CA VAL B 78 21.68 -17.79 7.97
C VAL B 78 22.31 -18.27 9.27
N ILE B 79 22.15 -19.56 9.55
CA ILE B 79 22.58 -20.16 10.82
C ILE B 79 24.02 -19.81 11.26
N PRO B 80 25.02 -19.92 10.36
CA PRO B 80 26.37 -19.63 10.84
C PRO B 80 26.59 -18.18 11.26
N HIS B 81 25.75 -17.27 10.76
CA HIS B 81 25.89 -15.86 11.09
C HIS B 81 25.34 -15.54 12.48
N LEU B 82 24.54 -16.46 13.02
CA LEU B 82 23.89 -16.23 14.31
C LEU B 82 24.87 -16.24 15.47
N THR B 83 26.06 -16.78 15.24
CA THR B 83 27.07 -16.86 16.29
C THR B 83 27.78 -15.51 16.47
N TYR B 84 27.50 -14.58 15.57
CA TYR B 84 28.10 -13.25 15.64
C TYR B 84 27.07 -12.18 15.99
N LEU B 85 25.81 -12.44 15.65
CA LEU B 85 24.75 -11.46 15.86
C LEU B 85 23.99 -11.67 17.16
N ALA B 86 24.31 -12.74 17.87
CA ALA B 86 23.58 -13.10 19.07
C ALA B 86 24.49 -13.47 20.23
N HIS B 87 23.99 -13.32 21.45
CA HIS B 87 24.68 -13.84 22.63
C HIS B 87 23.95 -15.10 23.11
N GLU B 88 24.39 -15.62 24.24
CA GLU B 88 23.88 -16.92 24.72
C GLU B 88 22.44 -16.83 25.22
N ASP B 89 22.02 -15.63 25.61
CA ASP B 89 20.69 -15.42 26.15
C ASP B 89 19.75 -14.79 25.12
N THR B 90 20.20 -14.70 23.88
CA THR B 90 19.43 -14.04 22.82
C THR B 90 18.18 -14.83 22.43
N LEU B 91 17.05 -14.14 22.37
CA LEU B 91 15.80 -14.73 21.90
C LEU B 91 15.73 -14.68 20.37
N ILE B 92 15.72 -15.85 19.74
CA ILE B 92 15.60 -15.93 18.28
C ILE B 92 14.17 -16.34 17.89
N ILE B 93 13.52 -15.50 17.11
CA ILE B 93 12.17 -15.79 16.64
C ILE B 93 12.16 -16.16 15.17
N LEU B 94 11.75 -17.39 14.87
CA LEU B 94 11.73 -17.87 13.50
C LEU B 94 10.42 -17.51 12.79
N ALA B 95 10.43 -16.39 12.08
CA ALA B 95 9.24 -15.91 11.39
C ALA B 95 9.08 -16.60 10.04
N GLN B 96 8.83 -17.90 10.08
CA GLN B 96 8.66 -18.68 8.86
C GLN B 96 7.36 -19.48 8.89
N ASN B 97 6.97 -19.99 7.72
CA ASN B 97 5.89 -20.96 7.64
C ASN B 97 6.46 -22.36 7.81
N GLY B 98 5.60 -23.37 7.74
CA GLY B 98 6.02 -24.74 7.95
C GLY B 98 6.47 -24.96 9.39
N TYR B 99 7.21 -26.04 9.60
CA TYR B 99 7.66 -26.39 10.95
C TYR B 99 8.77 -27.44 10.90
N GLY B 100 9.36 -27.73 12.05
CA GLY B 100 10.39 -28.74 12.16
C GLY B 100 11.77 -28.23 11.83
N GLN B 101 11.93 -26.91 11.87
CA GLN B 101 13.22 -26.30 11.56
C GLN B 101 13.84 -25.61 12.77
N LEU B 102 13.11 -25.63 13.89
CA LEU B 102 13.60 -24.99 15.12
C LEU B 102 14.84 -25.72 15.65
N GLU B 103 14.95 -27.00 15.34
CA GLU B 103 16.05 -27.82 15.82
C GLU B 103 17.37 -27.45 15.16
N HIS B 104 17.29 -26.88 13.96
CA HIS B 104 18.47 -26.51 13.19
C HIS B 104 19.19 -25.31 13.80
N ILE B 105 18.45 -24.50 14.56
CA ILE B 105 19.02 -23.33 15.23
C ILE B 105 19.60 -23.71 16.58
N PRO B 106 20.94 -23.61 16.71
CA PRO B 106 21.68 -24.05 17.90
C PRO B 106 21.70 -23.01 19.03
N PHE B 107 20.52 -22.58 19.47
CA PHE B 107 20.44 -21.63 20.57
C PHE B 107 19.39 -22.03 21.60
N LYS B 108 19.51 -21.44 22.79
CA LYS B 108 18.64 -21.78 23.91
C LYS B 108 17.20 -21.31 23.70
N ASN B 109 17.05 -20.10 23.19
CA ASN B 109 15.73 -19.49 23.06
C ASN B 109 15.28 -19.37 21.60
N VAL B 110 14.69 -20.44 21.08
CA VAL B 110 14.18 -20.45 19.72
C VAL B 110 12.66 -20.62 19.73
N CYS B 111 11.95 -19.73 19.04
CA CYS B 111 10.49 -19.76 19.01
C CYS B 111 9.96 -19.62 17.59
N GLN B 112 9.21 -20.62 17.13
CA GLN B 112 8.52 -20.57 15.85
C GLN B 112 7.39 -19.54 15.90
N ALA B 113 7.32 -18.69 14.89
CA ALA B 113 6.29 -17.65 14.85
C ALA B 113 5.31 -17.88 13.70
N VAL B 114 4.04 -18.03 14.04
CA VAL B 114 3.00 -18.15 13.04
C VAL B 114 2.76 -16.78 12.42
N VAL B 115 3.27 -16.59 11.19
CA VAL B 115 3.30 -15.27 10.57
C VAL B 115 2.04 -14.96 9.77
N TYR B 116 1.27 -13.98 10.24
CA TYR B 116 0.14 -13.47 9.48
C TYR B 116 0.41 -12.04 9.03
N ILE B 117 1.39 -11.91 8.12
CA ILE B 117 1.73 -10.62 7.53
C ILE B 117 1.85 -10.80 6.03
N SER B 118 0.85 -10.31 5.29
CA SER B 118 0.79 -10.52 3.84
C SER B 118 1.48 -9.40 3.06
N GLY B 119 2.15 -9.79 1.98
CA GLY B 119 2.83 -8.85 1.12
C GLY B 119 3.71 -9.57 0.10
N GLN B 120 4.29 -8.83 -0.84
CA GLN B 120 5.19 -9.42 -1.83
C GLN B 120 6.43 -8.56 -2.05
N LYS B 121 7.50 -9.19 -2.52
CA LYS B 121 8.74 -8.48 -2.80
C LYS B 121 9.13 -8.62 -4.27
N LYS B 122 9.00 -7.53 -5.01
CA LYS B 122 9.41 -7.52 -6.42
C LYS B 122 10.66 -6.67 -6.59
N GLY B 123 11.79 -7.32 -6.79
CA GLY B 123 13.07 -6.64 -6.87
C GLY B 123 13.51 -6.16 -5.50
N ASP B 124 13.71 -4.85 -5.37
CA ASP B 124 14.00 -4.25 -4.08
C ASP B 124 12.82 -3.42 -3.60
N VAL B 125 11.62 -3.82 -4.00
CA VAL B 125 10.40 -3.13 -3.61
C VAL B 125 9.46 -4.06 -2.86
N VAL B 126 9.24 -3.75 -1.57
CA VAL B 126 8.32 -4.54 -0.75
C VAL B 126 6.97 -3.84 -0.63
N THR B 127 5.92 -4.57 -0.97
CA THR B 127 4.56 -4.02 -0.88
C THR B 127 3.73 -4.82 0.11
N HIS B 128 3.49 -4.23 1.28
CA HIS B 128 2.66 -4.87 2.29
C HIS B 128 1.19 -4.76 1.91
N PHE B 129 0.41 -5.78 2.24
CA PHE B 129 -1.00 -5.82 1.89
C PHE B 129 -1.89 -5.60 3.11
N ARG B 130 -1.92 -6.57 4.01
CA ARG B 130 -2.74 -6.45 5.22
C ARG B 130 -2.16 -7.24 6.38
N ASP B 131 -2.64 -6.92 7.58
CA ASP B 131 -2.28 -7.61 8.83
C ASP B 131 -0.83 -7.37 9.25
N TYR B 132 -0.61 -7.40 10.58
CA TYR B 132 0.72 -7.26 11.15
C TYR B 132 0.89 -8.21 12.34
N GLN B 133 0.42 -9.44 12.20
CA GLN B 133 0.31 -10.34 13.34
C GLN B 133 1.41 -11.42 13.39
N LEU B 134 2.00 -11.58 14.56
CA LEU B 134 2.91 -12.70 14.83
C LEU B 134 2.42 -13.50 16.03
N ARG B 135 2.25 -14.80 15.85
CA ARG B 135 1.78 -15.67 16.93
C ARG B 135 2.91 -16.50 17.49
N ILE B 136 3.25 -16.28 18.76
CA ILE B 136 4.38 -16.94 19.39
C ILE B 136 3.96 -17.66 20.67
N GLN B 137 4.70 -18.71 21.04
CA GLN B 137 4.48 -19.40 22.29
C GLN B 137 4.73 -18.47 23.48
N ASP B 138 3.87 -18.54 24.48
CA ASP B 138 3.96 -17.65 25.63
C ASP B 138 5.00 -18.10 26.66
N ASN B 139 5.95 -17.22 26.94
CA ASN B 139 6.93 -17.45 28.00
C ASN B 139 7.48 -16.13 28.53
N ALA B 140 8.45 -16.22 29.44
CA ALA B 140 9.00 -15.03 30.08
C ALA B 140 9.65 -14.08 29.08
N LEU B 141 10.31 -14.64 28.07
CA LEU B 141 11.01 -13.83 27.08
C LEU B 141 10.07 -13.24 26.04
N THR B 142 9.07 -14.01 25.63
CA THR B 142 8.10 -13.53 24.64
C THR B 142 7.18 -12.48 25.27
N ARG B 143 6.85 -12.67 26.54
CA ARG B 143 6.07 -11.68 27.28
C ARG B 143 6.86 -10.38 27.38
N GLN B 144 8.17 -10.49 27.54
CA GLN B 144 9.06 -9.33 27.60
C GLN B 144 9.17 -8.68 26.22
N PHE B 145 9.11 -9.50 25.18
CA PHE B 145 9.20 -9.01 23.81
C PHE B 145 7.90 -8.35 23.36
N ARG B 146 6.78 -8.82 23.90
CA ARG B 146 5.47 -8.28 23.55
C ARG B 146 5.31 -6.88 24.10
N ASP B 147 5.77 -6.66 25.32
CA ASP B 147 5.66 -5.35 25.97
C ASP B 147 6.68 -4.37 25.40
N LEU B 148 7.73 -4.88 24.80
CA LEU B 148 8.77 -4.04 24.20
C LEU B 148 8.23 -3.34 22.95
N VAL B 149 7.46 -4.08 22.16
CA VAL B 149 6.94 -3.57 20.89
C VAL B 149 5.49 -3.13 21.02
N GLN B 150 5.09 -2.78 22.24
CA GLN B 150 3.70 -2.43 22.52
C GLN B 150 3.26 -1.16 21.80
N ASP B 151 4.22 -0.31 21.45
CA ASP B 151 3.92 0.98 20.82
C ASP B 151 3.82 0.85 19.31
N SER B 152 4.32 -0.24 18.76
CA SER B 152 4.20 -0.50 17.33
C SER B 152 2.90 -1.24 17.06
N GLN B 153 2.45 -1.22 15.81
CA GLN B 153 1.20 -1.89 15.45
C GLN B 153 1.45 -3.34 15.04
N ILE B 154 2.60 -3.87 15.44
CA ILE B 154 2.87 -5.30 15.27
C ILE B 154 2.06 -6.09 16.29
N ASP B 155 1.15 -6.92 15.79
CA ASP B 155 0.25 -7.66 16.66
C ASP B 155 0.83 -8.98 17.15
N ILE B 156 1.42 -8.96 18.34
CA ILE B 156 1.97 -10.18 18.93
C ILE B 156 0.89 -10.95 19.70
N VAL B 157 0.55 -12.12 19.20
CA VAL B 157 -0.45 -12.97 19.86
C VAL B 157 0.23 -14.13 20.57
N LEU B 158 0.38 -14.01 21.88
CA LEU B 158 1.04 -15.06 22.67
C LEU B 158 0.09 -16.21 22.95
N GLU B 159 0.36 -17.35 22.32
CA GLU B 159 -0.47 -18.53 22.49
C GLU B 159 0.02 -19.38 23.66
N ALA B 160 -0.92 -20.04 24.34
CA ALA B 160 -0.58 -20.95 25.44
C ALA B 160 0.14 -22.17 24.88
N ASN B 161 -0.36 -22.68 23.77
CA ASN B 161 0.28 -23.78 23.06
C ASN B 161 0.39 -23.48 21.57
N ILE B 162 1.57 -23.08 21.12
CA ILE B 162 1.76 -22.59 19.76
C ILE B 162 1.59 -23.70 18.73
N GLN B 163 1.67 -24.95 19.16
CA GLN B 163 1.50 -26.10 18.27
C GLN B 163 0.14 -26.08 17.59
N GLN B 164 -0.84 -25.46 18.26
CA GLN B 164 -2.17 -25.30 17.71
C GLN B 164 -2.17 -24.42 16.46
N ALA B 165 -1.60 -23.23 16.58
CA ALA B 165 -1.61 -22.25 15.48
C ALA B 165 -0.67 -22.65 14.34
N ILE B 166 0.45 -23.26 14.69
CA ILE B 166 1.42 -23.71 13.69
C ILE B 166 0.81 -24.75 12.75
N TRP B 167 0.19 -25.76 13.33
CA TRP B 167 -0.39 -26.86 12.54
C TRP B 167 -1.63 -26.42 11.77
N TYR B 168 -2.37 -25.47 12.32
CA TYR B 168 -3.55 -24.96 11.63
C TYR B 168 -3.13 -24.27 10.34
N LYS B 169 -2.04 -23.50 10.40
CA LYS B 169 -1.52 -22.82 9.23
C LYS B 169 -0.90 -23.81 8.26
N LEU B 170 -0.37 -24.90 8.81
CA LEU B 170 0.17 -25.99 7.99
C LEU B 170 -0.91 -26.59 7.10
N LEU B 171 -2.07 -26.85 7.69
CA LEU B 171 -3.19 -27.45 6.96
C LEU B 171 -3.73 -26.49 5.90
N VAL B 172 -3.83 -25.21 6.24
CA VAL B 172 -4.28 -24.19 5.31
C VAL B 172 -3.37 -24.13 4.08
N ASN B 173 -2.07 -24.22 4.32
CA ASN B 173 -1.09 -24.26 3.24
C ASN B 173 -1.18 -25.56 2.46
N LEU B 174 -1.45 -26.66 3.16
CA LEU B 174 -1.49 -27.98 2.56
C LEU B 174 -2.59 -28.12 1.51
N GLY B 175 -3.76 -27.57 1.80
CA GLY B 175 -4.92 -27.77 0.97
C GLY B 175 -4.88 -27.04 -0.37
N ILE B 176 -4.65 -25.73 -0.32
CA ILE B 176 -4.78 -24.90 -1.52
C ILE B 176 -3.49 -24.87 -2.36
N ASN B 177 -2.33 -24.82 -1.72
CA ASN B 177 -1.06 -24.77 -2.44
C ASN B 177 -0.83 -26.03 -3.27
N SER B 178 -0.87 -27.17 -2.60
CA SER B 178 -0.54 -28.46 -3.20
C SER B 178 -1.28 -28.73 -4.51
N ILE B 179 -2.56 -28.40 -4.56
CA ILE B 179 -3.37 -28.64 -5.75
C ILE B 179 -3.01 -27.70 -6.89
N THR B 180 -2.95 -26.40 -6.59
CA THR B 180 -2.62 -25.40 -7.60
C THR B 180 -1.17 -25.53 -8.07
N LEU B 181 -0.30 -26.01 -7.18
CA LEU B 181 1.11 -26.18 -7.49
C LEU B 181 1.34 -27.39 -8.37
N LEU B 182 0.66 -28.48 -8.06
CA LEU B 182 0.78 -29.71 -8.84
C LEU B 182 0.01 -29.61 -10.15
N GLY B 183 -1.17 -28.98 -10.09
CA GLY B 183 -1.98 -28.79 -11.27
C GLY B 183 -1.45 -27.71 -12.18
N ARG B 184 -0.47 -26.96 -11.67
CA ARG B 184 0.15 -25.86 -12.41
C ARG B 184 -0.90 -24.87 -12.91
N GLN B 185 -1.77 -24.47 -11.99
CA GLN B 185 -2.86 -23.56 -12.30
C GLN B 185 -3.10 -22.65 -11.11
N THR B 186 -4.02 -21.69 -11.26
CA THR B 186 -4.35 -20.79 -10.16
C THR B 186 -5.38 -21.43 -9.24
N VAL B 187 -5.99 -20.60 -8.37
CA VAL B 187 -7.03 -21.08 -7.47
C VAL B 187 -8.28 -21.43 -8.27
N ALA B 188 -8.31 -21.01 -9.53
CA ALA B 188 -9.42 -21.27 -10.45
C ALA B 188 -9.63 -22.76 -10.73
N ILE B 189 -8.67 -23.59 -10.33
CA ILE B 189 -8.76 -25.03 -10.52
C ILE B 189 -9.75 -25.65 -9.54
N MET B 190 -10.12 -24.89 -8.52
CA MET B 190 -11.01 -25.38 -7.47
C MET B 190 -12.47 -25.45 -7.91
N HIS B 191 -12.74 -25.10 -9.17
CA HIS B 191 -14.10 -25.14 -9.68
C HIS B 191 -14.53 -26.55 -10.03
N ASN B 192 -13.56 -27.43 -10.26
CA ASN B 192 -13.86 -28.83 -10.53
C ASN B 192 -14.35 -29.52 -9.26
N PRO B 193 -15.47 -30.24 -9.36
CA PRO B 193 -16.02 -30.98 -8.22
C PRO B 193 -15.05 -32.05 -7.71
N GLU B 194 -14.33 -32.70 -8.61
CA GLU B 194 -13.34 -33.70 -8.21
C GLU B 194 -12.19 -33.08 -7.43
N ILE B 195 -11.82 -31.86 -7.78
CA ILE B 195 -10.71 -31.17 -7.12
C ILE B 195 -11.05 -30.82 -5.68
N ARG B 196 -12.23 -30.25 -5.47
CA ARG B 196 -12.66 -29.87 -4.12
C ARG B 196 -12.78 -31.07 -3.21
N ILE B 197 -13.32 -32.16 -3.75
CA ILE B 197 -13.42 -33.42 -3.01
C ILE B 197 -12.03 -33.91 -2.62
N LEU B 198 -11.11 -33.81 -3.58
CA LEU B 198 -9.72 -34.17 -3.35
C LEU B 198 -9.07 -33.25 -2.33
N CYS B 199 -9.39 -31.97 -2.40
CA CYS B 199 -8.87 -30.97 -1.47
C CYS B 199 -9.30 -31.29 -0.05
N ARG B 200 -10.51 -31.80 0.09
CA ARG B 200 -11.04 -32.19 1.40
C ARG B 200 -10.29 -33.41 1.93
N GLN B 201 -10.14 -34.42 1.07
CA GLN B 201 -9.46 -35.66 1.45
C GLN B 201 -8.00 -35.41 1.82
N LEU B 202 -7.37 -34.47 1.12
CA LEU B 202 -5.98 -34.10 1.42
C LEU B 202 -5.88 -33.46 2.79
N LEU B 203 -6.87 -32.63 3.13
CA LEU B 203 -6.90 -31.98 4.43
C LEU B 203 -7.16 -32.98 5.55
N LEU B 204 -8.04 -33.93 5.29
CA LEU B 204 -8.35 -34.98 6.25
C LEU B 204 -7.12 -35.84 6.54
N ASP B 205 -6.27 -35.99 5.52
CA ASP B 205 -4.99 -36.68 5.70
C ASP B 205 -4.10 -35.88 6.63
N GLY B 206 -3.95 -34.59 6.36
CA GLY B 206 -3.11 -33.73 7.17
C GLY B 206 -3.65 -33.59 8.58
N CYS B 207 -4.96 -33.62 8.69
CA CYS B 207 -5.64 -33.57 9.99
C CYS B 207 -5.35 -34.84 10.79
N ARG B 208 -5.25 -35.96 10.08
CA ARG B 208 -4.95 -37.24 10.70
C ARG B 208 -3.52 -37.25 11.23
N VAL B 209 -2.63 -36.55 10.53
CA VAL B 209 -1.25 -36.42 10.99
C VAL B 209 -1.19 -35.51 12.21
N ALA B 210 -2.00 -34.46 12.20
CA ALA B 210 -2.05 -33.52 13.32
C ALA B 210 -2.61 -34.18 14.57
N GLN B 211 -3.63 -35.01 14.38
CA GLN B 211 -4.22 -35.78 15.48
C GLN B 211 -3.19 -36.70 16.11
N ALA B 212 -2.33 -37.28 15.28
CA ALA B 212 -1.26 -38.15 15.76
C ALA B 212 -0.22 -37.35 16.54
N GLU B 213 -0.10 -36.07 16.22
CA GLU B 213 0.84 -35.20 16.91
C GLU B 213 0.26 -34.72 18.25
N GLY B 214 -1.00 -35.06 18.50
CA GLY B 214 -1.64 -34.72 19.75
C GLY B 214 -2.54 -33.50 19.69
N LEU B 215 -3.02 -33.18 18.49
CA LEU B 215 -3.87 -32.01 18.31
C LEU B 215 -5.36 -32.37 18.25
N ASN B 216 -6.21 -31.42 18.61
CA ASN B 216 -7.65 -31.65 18.68
C ASN B 216 -8.36 -31.46 17.35
N PHE B 217 -7.59 -31.38 16.27
CA PHE B 217 -8.16 -31.16 14.95
C PHE B 217 -9.12 -32.29 14.57
N SER B 218 -10.18 -31.95 13.86
CA SER B 218 -11.19 -32.93 13.48
C SER B 218 -11.74 -32.66 12.09
N GLU B 219 -12.90 -33.22 11.81
CA GLU B 219 -13.57 -33.02 10.52
C GLU B 219 -14.14 -31.61 10.43
N GLN B 220 -14.27 -30.96 11.58
CA GLN B 220 -14.76 -29.58 11.64
C GLN B 220 -13.66 -28.57 11.31
N THR B 221 -12.42 -28.95 11.61
CA THR B 221 -11.29 -28.09 11.29
C THR B 221 -11.14 -27.97 9.78
N VAL B 222 -11.33 -29.09 9.10
CA VAL B 222 -11.29 -29.12 7.64
C VAL B 222 -12.43 -28.31 7.04
N ASP B 223 -13.61 -28.42 7.66
CA ASP B 223 -14.78 -27.69 7.18
C ASP B 223 -14.58 -26.18 7.23
N THR B 224 -13.90 -25.70 8.25
CA THR B 224 -13.63 -24.27 8.38
C THR B 224 -12.63 -23.81 7.32
N ILE B 225 -11.59 -24.62 7.09
CA ILE B 225 -10.57 -24.31 6.09
C ILE B 225 -11.17 -24.32 4.69
N MET B 226 -12.07 -25.27 4.43
CA MET B 226 -12.79 -25.34 3.17
C MET B 226 -13.69 -24.12 2.99
N THR B 227 -14.10 -23.53 4.11
CA THR B 227 -14.92 -22.32 4.07
C THR B 227 -14.04 -21.09 3.85
N ILE B 228 -12.86 -21.10 4.44
CA ILE B 228 -11.88 -20.04 4.23
C ILE B 228 -11.43 -20.05 2.77
N TYR B 229 -11.45 -21.22 2.16
CA TYR B 229 -11.10 -21.37 0.75
C TYR B 229 -12.16 -20.76 -0.17
N GLN B 230 -13.22 -20.21 0.43
CA GLN B 230 -14.29 -19.58 -0.34
C GLN B 230 -14.50 -18.13 0.10
N LEU B 250 11.31 -23.74 -3.27
CA LEU B 250 10.03 -23.74 -2.58
C LEU B 250 10.19 -24.10 -1.11
N GLU B 251 9.13 -23.87 -0.35
CA GLU B 251 9.10 -24.25 1.06
C GLU B 251 8.32 -25.54 1.23
N VAL B 252 8.25 -26.31 0.15
CA VAL B 252 7.47 -27.54 0.14
C VAL B 252 8.03 -28.57 1.11
N GLU B 253 9.35 -28.60 1.23
CA GLU B 253 10.01 -29.55 2.13
C GLU B 253 9.76 -29.23 3.60
N ALA B 254 9.31 -28.02 3.87
CA ALA B 254 9.04 -27.59 5.24
C ALA B 254 7.54 -27.60 5.54
N ILE B 255 6.72 -27.76 4.51
CA ILE B 255 5.28 -27.79 4.71
C ILE B 255 4.73 -29.19 4.41
N GLN B 256 4.60 -29.51 3.13
CA GLN B 256 4.15 -30.84 2.74
C GLN B 256 5.17 -31.89 3.13
N GLY B 257 6.45 -31.52 3.07
CA GLY B 257 7.53 -32.41 3.45
C GLY B 257 7.49 -32.75 4.92
N PHE B 258 7.21 -31.73 5.74
CA PHE B 258 7.16 -31.89 7.19
C PHE B 258 6.00 -32.80 7.61
N ILE B 259 4.82 -32.54 7.07
CA ILE B 259 3.65 -33.34 7.39
C ILE B 259 3.85 -34.78 6.96
N TYR B 260 4.43 -34.98 5.78
CA TYR B 260 4.71 -36.31 5.26
C TYR B 260 5.68 -37.07 6.18
N ARG B 261 6.71 -36.38 6.66
CA ARG B 261 7.69 -36.99 7.55
C ARG B 261 7.05 -37.44 8.87
N ARG B 262 6.19 -36.61 9.44
CA ARG B 262 5.54 -36.92 10.70
C ARG B 262 4.48 -38.01 10.51
N ALA B 263 3.98 -38.15 9.29
CA ALA B 263 3.01 -39.20 8.98
C ALA B 263 3.68 -40.56 9.04
N ARG B 264 4.94 -40.62 8.64
CA ARG B 264 5.72 -41.86 8.67
C ARG B 264 6.15 -42.20 10.09
N GLU B 265 6.45 -41.15 10.86
CA GLU B 265 6.84 -41.31 12.25
C GLU B 265 5.74 -41.97 13.06
N HIS B 266 4.49 -41.65 12.72
CA HIS B 266 3.34 -42.23 13.40
C HIS B 266 2.76 -43.39 12.62
N ASN B 267 3.49 -43.85 11.61
CA ASN B 267 3.10 -45.00 10.78
C ASN B 267 1.67 -44.90 10.28
N LEU B 268 1.30 -43.73 9.76
CA LEU B 268 -0.06 -43.49 9.31
C LEU B 268 -0.24 -43.86 7.84
N ASP B 269 -1.49 -44.02 7.43
CA ASP B 269 -1.81 -44.26 6.03
C ASP B 269 -2.47 -43.00 5.45
N THR B 270 -1.66 -42.20 4.76
CA THR B 270 -2.13 -40.96 4.15
C THR B 270 -1.91 -40.99 2.65
N PRO B 271 -2.82 -41.65 1.92
CA PRO B 271 -2.69 -41.85 0.47
C PRO B 271 -2.69 -40.55 -0.32
N TYR B 272 -3.57 -39.62 0.07
CA TYR B 272 -3.68 -38.34 -0.61
C TYR B 272 -2.46 -37.47 -0.35
N LEU B 273 -1.92 -37.55 0.86
CA LEU B 273 -0.72 -36.79 1.21
C LEU B 273 0.51 -37.33 0.49
N ASP B 274 0.61 -38.66 0.41
CA ASP B 274 1.73 -39.31 -0.27
C ASP B 274 1.74 -39.02 -1.76
N THR B 275 0.57 -39.11 -2.38
CA THR B 275 0.44 -38.89 -3.82
C THR B 275 0.88 -37.48 -4.18
N ILE B 276 0.41 -36.51 -3.40
CA ILE B 276 0.74 -35.11 -3.65
C ILE B 276 2.23 -34.83 -3.44
N TYR B 277 2.73 -35.23 -2.27
CA TYR B 277 4.11 -34.94 -1.90
C TYR B 277 5.13 -35.58 -2.84
N SER B 278 4.83 -36.78 -3.32
CA SER B 278 5.74 -37.50 -4.21
C SER B 278 5.98 -36.72 -5.50
N PHE B 279 4.97 -36.00 -5.96
CA PHE B 279 5.10 -35.17 -7.15
C PHE B 279 5.84 -33.87 -6.83
N LEU B 280 5.51 -33.26 -5.70
CA LEU B 280 6.16 -32.03 -5.28
C LEU B 280 7.64 -32.27 -4.99
N ARG B 281 7.93 -33.41 -4.38
CA ARG B 281 9.31 -33.82 -4.09
C ARG B 281 10.08 -34.04 -5.39
N ALA B 282 9.42 -34.62 -6.39
CA ALA B 282 10.06 -34.94 -7.66
C ALA B 282 10.42 -33.68 -8.46
N TYR B 283 9.47 -32.64 -8.37
CA TYR B 283 9.68 -31.39 -9.06
C TYR B 283 10.97 -30.73 -8.65
N GLN B 284 11.19 -30.84 -7.27
CA GLN B 284 12.30 -30.16 -6.58
C GLN B 284 13.63 -30.79 -6.96
N GLN B 285 13.59 -32.05 -7.40
CA GLN B 285 14.81 -32.76 -7.79
C GLN B 285 15.17 -32.49 -9.25
PA NAP C . -3.75 27.14 -13.82
O1A NAP C . -2.47 26.79 -14.53
O2A NAP C . -4.03 28.55 -13.38
O5B NAP C . -5.00 26.65 -14.73
C5B NAP C . -6.16 27.47 -14.87
C4B NAP C . -6.47 27.59 -16.36
O4B NAP C . -7.87 27.42 -16.60
C3B NAP C . -6.10 28.98 -16.84
O3B NAP C . -5.32 28.88 -18.03
C2B NAP C . -7.41 29.65 -17.15
O2B NAP C . -7.28 30.50 -18.29
C1B NAP C . -8.36 28.48 -17.41
N9A NAP C . -9.75 28.80 -17.04
C8A NAP C . -10.15 29.54 -15.98
N7A NAP C . -11.50 29.64 -15.93
C5A NAP C . -11.99 28.96 -16.99
C6A NAP C . -13.34 28.65 -17.54
N6A NAP C . -14.46 29.12 -16.94
N1A NAP C . -13.41 27.89 -18.66
C2A NAP C . -12.30 27.43 -19.27
N3A NAP C . -11.05 27.66 -18.82
C4A NAP C . -10.83 28.41 -17.71
O3 NAP C . -3.92 26.15 -12.55
PN NAP C . -3.40 24.64 -12.65
O1N NAP C . -3.59 24.13 -14.07
O2N NAP C . -2.03 24.57 -12.00
O5D NAP C . -4.45 23.90 -11.68
C5D NAP C . -5.16 22.73 -12.08
C4D NAP C . -5.66 22.05 -10.80
O4D NAP C . -4.78 20.99 -10.45
C3D NAP C . -5.67 23.04 -9.66
O3D NAP C . -6.93 22.99 -8.98
C2D NAP C . -4.55 22.59 -8.74
O2D NAP C . -4.94 22.71 -7.37
C1D NAP C . -4.30 21.14 -9.12
N1N NAP C . -2.87 20.81 -9.06
C2N NAP C . -1.96 21.64 -9.61
C3N NAP C . -0.62 21.33 -9.57
C7N NAP C . 0.41 22.25 -10.19
O7N NAP C . 0.03 23.23 -10.82
N7N NAP C . 1.70 21.98 -10.03
C4N NAP C . -0.19 20.17 -8.95
C5N NAP C . -1.14 19.33 -8.38
C6N NAP C . -2.49 19.68 -8.46
P2B NAP C . -6.71 31.99 -18.07
O1X NAP C . -5.21 31.83 -18.20
O2X NAP C . -7.34 32.80 -19.17
O3X NAP C . -7.18 32.36 -16.68
PA NAP D . 10.73 -13.09 0.74
O1A NAP D . 11.39 -13.79 -0.43
O2A NAP D . 10.07 -11.76 0.54
O5B NAP D . 11.81 -12.98 1.93
C5B NAP D . 13.07 -13.62 1.85
C4B NAP D . 14.15 -12.57 2.04
O4B NAP D . 15.26 -13.12 2.75
C3B NAP D . 14.65 -12.11 0.68
O3B NAP D . 14.50 -10.69 0.56
C2B NAP D . 16.12 -12.48 0.66
O2B NAP D . 16.86 -11.41 0.09
C1B NAP D . 16.48 -12.72 2.12
N9A NAP D . 17.51 -13.77 2.26
C8A NAP D . 17.56 -14.94 1.59
N7A NAP D . 18.65 -15.67 1.96
C5A NAP D . 19.31 -14.96 2.90
C6A NAP D . 20.53 -15.14 3.71
N6A NAP D . 21.29 -16.26 3.59
N1A NAP D . 20.87 -14.16 4.57
C2A NAP D . 20.14 -13.04 4.69
N3A NAP D . 19.02 -12.81 3.98
C4A NAP D . 18.56 -13.71 3.09
O3 NAP D . 9.65 -14.08 1.39
PN NAP D . 8.74 -13.56 2.60
O1N NAP D . 7.36 -13.26 2.05
O2N NAP D . 9.49 -12.49 3.37
O5D NAP D . 8.65 -14.89 3.50
C5D NAP D . 8.95 -14.90 4.90
C4D NAP D . 8.21 -16.08 5.51
O4D NAP D . 6.93 -15.66 5.95
C3D NAP D . 8.00 -17.18 4.47
O3D NAP D . 8.53 -18.42 4.95
C2D NAP D . 6.50 -17.27 4.27
O2D NAP D . 6.08 -18.64 4.27
C1D NAP D . 5.91 -16.54 5.47
N1N NAP D . 4.71 -15.78 5.10
C2N NAP D . 4.73 -14.92 4.07
C3N NAP D . 3.59 -14.18 3.74
C7N NAP D . 3.60 -13.22 2.59
O7N NAP D . 4.66 -12.82 2.15
N7N NAP D . 2.44 -12.82 2.08
C4N NAP D . 2.42 -14.36 4.46
C5N NAP D . 2.43 -15.25 5.53
C6N NAP D . 3.59 -15.95 5.83
P2B NAP D . 17.37 -11.52 -1.44
O1X NAP D . 16.36 -12.42 -2.09
O2X NAP D . 17.33 -10.09 -1.94
O3X NAP D . 18.75 -12.11 -1.32
#